data_5IKM
#
_entry.id   5IKM
#
_cell.length_a   58.380
_cell.length_b   86.230
_cell.length_c   144.307
_cell.angle_alpha   90.00
_cell.angle_beta   90.00
_cell.angle_gamma   90.00
#
_symmetry.space_group_name_H-M   'I 2 2 2'
#
loop_
_entity.id
_entity.type
_entity.pdbx_description
1 polymer 'NS5 Methyl Transferase'
2 non-polymer 'CHLORIDE ION'
3 non-polymer 'SULFATE ION'
4 non-polymer S-ADENOSYLMETHIONINE
5 non-polymer beta-D-fructopyranose
6 non-polymer D-MALATE
7 non-polymer GLYCEROL
8 water water
#
_entity_poly.entity_id   1
_entity_poly.type   'polypeptide(L)'
_entity_poly.pdbx_seq_one_letter_code
;SNAGTGAQGETLGEKWKRQLNQLSKSEFNTYKRSGIMEVDRSEAKEGLKRGETTKHAVSRGTAKLRWFVERNLVKPEGKV
IDLGCGRGGWSYYCAGLKKVTEVKGYTKGGPGHEEPIPMATYGWNLVKLHSGKDVFFIPPEKCDTLLCDIGESSPNPTIE
EGRTLRVLKMVEPWLRGNQFCIKILNPYMPSVVETLEQMQRKHGGMLVRNPLSRNSTHEMYWVS(CSO)GTGNIVSAVNM
TSRMLLNRFTMAHRKPTYERDVDLGAGTRHVAV
;
_entity_poly.pdbx_strand_id   A
#
loop_
_chem_comp.id
_chem_comp.type
_chem_comp.name
_chem_comp.formula
BDF D-saccharide, beta linking beta-D-fructopyranose 'C6 H12 O6'
CL non-polymer 'CHLORIDE ION' 'Cl -1'
GOL non-polymer GLYCEROL 'C3 H8 O3'
MLT non-polymer D-MALATE 'C4 H6 O5'
SAM non-polymer S-ADENOSYLMETHIONINE 'C15 H22 N6 O5 S'
SO4 non-polymer 'SULFATE ION' 'O4 S -2'
#
# COMPACT_ATOMS: atom_id res chain seq x y z
N GLY A 9 -20.38 22.06 -2.46
CA GLY A 9 -20.97 20.67 -2.53
C GLY A 9 -19.87 19.61 -2.67
N GLU A 10 -18.88 19.72 -1.81
CA GLU A 10 -17.73 18.85 -1.84
C GLU A 10 -18.07 17.43 -1.39
N THR A 11 -17.19 16.50 -1.68
CA THR A 11 -17.37 15.12 -1.23
C THR A 11 -17.03 15.03 0.26
N LEU A 12 -17.44 13.96 0.90
CA LEU A 12 -17.07 13.71 2.31
C LEU A 12 -15.56 13.64 2.47
N GLY A 13 -14.88 13.05 1.49
CA GLY A 13 -13.41 12.96 1.56
C GLY A 13 -12.76 14.35 1.59
N GLU A 14 -13.29 15.29 0.81
CA GLU A 14 -12.78 16.66 0.78
C GLU A 14 -13.00 17.35 2.12
N LYS A 15 -14.14 17.05 2.75
N LYS A 15 -14.13 17.05 2.75
CA LYS A 15 -14.47 17.59 4.07
CA LYS A 15 -14.45 17.61 4.06
C LYS A 15 -13.47 17.05 5.10
C LYS A 15 -13.45 17.06 5.09
N TRP A 16 -13.13 15.77 4.97
CA TRP A 16 -12.13 15.13 5.85
C TRP A 16 -10.76 15.80 5.69
N LYS A 17 -10.33 16.02 4.44
CA LYS A 17 -9.05 16.64 4.16
C LYS A 17 -8.95 18.05 4.73
N ARG A 18 -9.98 18.87 4.59
CA ARG A 18 -9.95 20.24 5.16
C ARG A 18 -9.85 20.20 6.68
N GLN A 19 -10.56 19.27 7.29
CA GLN A 19 -10.54 19.10 8.73
C GLN A 19 -9.16 18.60 9.19
N LEU A 20 -8.58 17.65 8.46
CA LEU A 20 -7.24 17.15 8.77
C LEU A 20 -6.21 18.28 8.74
N ASN A 21 -6.27 19.11 7.70
CA ASN A 21 -5.31 20.20 7.53
C ASN A 21 -5.47 21.29 8.58
N GLN A 22 -6.59 21.29 9.32
CA GLN A 22 -6.81 22.27 10.42
C GLN A 22 -6.27 21.79 11.78
N LEU A 23 -5.87 20.52 11.90
CA LEU A 23 -5.36 20.01 13.18
C LEU A 23 -4.02 20.59 13.60
N SER A 24 -3.84 20.79 14.91
CA SER A 24 -2.54 21.19 15.44
C SER A 24 -1.63 19.95 15.35
N LYS A 25 -0.35 20.13 15.63
CA LYS A 25 0.59 19.03 15.53
C LYS A 25 0.27 17.93 16.56
N SER A 26 -0.07 18.31 17.79
CA SER A 26 -0.41 17.32 18.80
C SER A 26 -1.73 16.60 18.45
N GLU A 27 -2.69 17.34 17.89
CA GLU A 27 -3.99 16.77 17.50
C GLU A 27 -3.79 15.77 16.36
N PHE A 28 -2.98 16.17 15.38
CA PHE A 28 -2.66 15.31 14.25
C PHE A 28 -2.04 13.99 14.72
N ASN A 29 -1.06 14.06 15.63
CA ASN A 29 -0.38 12.86 16.12
C ASN A 29 -1.28 11.91 16.90
N THR A 30 -2.24 12.46 17.65
CA THR A 30 -3.22 11.63 18.34
C THR A 30 -4.19 11.05 17.33
N TYR A 31 -4.68 11.88 16.41
CA TYR A 31 -5.65 11.42 15.43
C TYR A 31 -5.15 10.31 14.51
N LYS A 32 -3.92 10.43 14.04
CA LYS A 32 -3.42 9.48 13.03
C LYS A 32 -3.45 8.00 13.46
N ARG A 33 -3.34 7.74 14.76
N ARG A 33 -3.32 7.77 14.77
CA ARG A 33 -3.36 6.38 15.29
CA ARG A 33 -3.33 6.42 15.33
C ARG A 33 -4.69 6.00 15.98
C ARG A 33 -4.62 6.06 16.11
N SER A 34 -5.64 6.92 16.07
CA SER A 34 -6.89 6.64 16.80
C SER A 34 -7.67 5.42 16.27
N GLY A 35 -7.76 4.38 17.10
CA GLY A 35 -8.52 3.20 16.78
C GLY A 35 -8.00 2.37 15.63
N ILE A 36 -6.77 2.59 15.18
CA ILE A 36 -6.22 1.80 14.08
C ILE A 36 -5.64 0.45 14.55
N MET A 37 -5.41 -0.45 13.57
CA MET A 37 -4.70 -1.68 13.85
C MET A 37 -3.25 -1.25 13.65
N GLU A 38 -2.34 -1.79 14.46
N GLU A 38 -2.34 -1.78 14.47
CA GLU A 38 -0.96 -1.37 14.45
CA GLU A 38 -0.94 -1.38 14.40
C GLU A 38 0.00 -2.51 14.84
C GLU A 38 -0.02 -2.51 14.81
N VAL A 39 1.09 -2.68 14.10
CA VAL A 39 2.10 -3.70 14.46
C VAL A 39 3.17 -3.04 15.33
N ASP A 40 3.67 -3.78 16.31
CA ASP A 40 4.76 -3.31 17.14
C ASP A 40 6.08 -3.46 16.36
N ARG A 41 6.61 -2.33 15.87
CA ARG A 41 7.83 -2.30 15.05
C ARG A 41 9.16 -2.07 15.83
N SER A 42 9.10 -1.90 17.15
N SER A 42 9.07 -1.92 17.15
CA SER A 42 10.31 -1.63 17.95
CA SER A 42 10.24 -1.67 18.00
C SER A 42 11.43 -2.62 17.70
C SER A 42 11.40 -2.61 17.72
N GLU A 43 11.12 -3.91 17.80
CA GLU A 43 12.14 -4.96 17.62
C GLU A 43 12.76 -4.96 16.23
N ALA A 44 11.93 -4.88 15.19
CA ALA A 44 12.43 -4.85 13.81
C ALA A 44 13.29 -3.63 13.58
N LYS A 45 12.82 -2.47 14.04
CA LYS A 45 13.56 -1.23 13.86
C LYS A 45 14.96 -1.31 14.49
N GLU A 46 15.01 -1.82 15.71
CA GLU A 46 16.30 -1.94 16.43
C GLU A 46 17.22 -2.92 15.72
N GLY A 47 16.65 -4.05 15.30
CA GLY A 47 17.41 -5.07 14.59
C GLY A 47 17.97 -4.59 13.26
N LEU A 48 17.12 -3.92 12.49
CA LEU A 48 17.53 -3.38 11.19
C LEU A 48 18.65 -2.37 11.36
N LYS A 49 18.57 -1.57 12.42
CA LYS A 49 19.64 -0.58 12.69
C LYS A 49 20.97 -1.31 12.93
N ARG A 50 20.91 -2.49 13.52
CA ARG A 50 22.12 -3.30 13.76
C ARG A 50 22.57 -4.15 12.59
N GLY A 51 21.92 -4.03 11.44
CA GLY A 51 22.31 -4.85 10.28
C GLY A 51 21.79 -6.28 10.28
N GLU A 52 20.78 -6.56 11.10
CA GLU A 52 20.15 -7.89 11.11
C GLU A 52 19.36 -8.10 9.82
N THR A 53 19.47 -9.29 9.23
CA THR A 53 18.87 -9.58 7.93
C THR A 53 17.87 -10.75 7.87
N THR A 54 17.69 -11.45 8.99
CA THR A 54 16.72 -12.52 9.07
C THR A 54 15.55 -12.08 9.95
N LYS A 55 14.43 -12.79 9.79
N LYS A 55 14.44 -12.79 9.80
CA LYS A 55 13.18 -12.57 10.54
CA LYS A 55 13.17 -12.57 10.51
C LYS A 55 12.42 -11.26 10.25
C LYS A 55 12.42 -11.26 10.20
N HIS A 56 13.12 -10.14 10.31
CA HIS A 56 12.46 -8.84 10.19
C HIS A 56 11.85 -8.44 8.87
N ALA A 57 10.65 -7.84 8.99
CA ALA A 57 10.04 -7.15 7.85
C ALA A 57 10.75 -5.78 7.76
N VAL A 58 11.08 -5.36 6.55
CA VAL A 58 11.79 -4.11 6.37
C VAL A 58 10.97 -2.83 6.59
N SER A 59 9.64 -2.96 6.59
CA SER A 59 8.74 -1.80 6.80
C SER A 59 7.37 -2.27 7.31
N ARG A 60 6.53 -1.31 7.69
N ARG A 60 6.52 -1.32 7.68
CA ARG A 60 5.11 -1.59 8.08
CA ARG A 60 5.15 -1.63 8.09
C ARG A 60 4.31 -2.13 6.91
C ARG A 60 4.33 -2.13 6.92
N GLY A 61 4.86 -1.98 5.71
CA GLY A 61 4.18 -2.44 4.52
C GLY A 61 3.93 -3.92 4.44
N THR A 62 4.84 -4.72 5.00
CA THR A 62 4.68 -6.16 4.99
C THR A 62 3.37 -6.55 5.68
N ALA A 63 3.13 -5.97 6.85
CA ALA A 63 1.89 -6.25 7.59
C ALA A 63 0.64 -5.81 6.80
N LYS A 64 0.72 -4.69 6.06
CA LYS A 64 -0.42 -4.23 5.27
C LYS A 64 -0.79 -5.24 4.20
N LEU A 65 0.21 -5.71 3.48
CA LEU A 65 -0.03 -6.69 2.42
C LEU A 65 -0.52 -8.01 3.03
N ARG A 66 0.06 -8.43 4.15
CA ARG A 66 -0.39 -9.66 4.84
C ARG A 66 -1.89 -9.62 5.16
N TRP A 67 -2.39 -8.47 5.59
CA TRP A 67 -3.80 -8.32 5.91
C TRP A 67 -4.67 -8.65 4.69
N PHE A 68 -4.27 -8.16 3.52
CA PHE A 68 -5.01 -8.44 2.31
C PHE A 68 -4.93 -9.90 1.90
N VAL A 69 -3.73 -10.47 2.00
CA VAL A 69 -3.51 -11.86 1.59
C VAL A 69 -4.26 -12.83 2.48
N GLU A 70 -4.23 -12.59 3.78
CA GLU A 70 -4.96 -13.43 4.74
C GLU A 70 -6.46 -13.51 4.48
N ARG A 71 -7.00 -12.44 3.90
CA ARG A 71 -8.43 -12.37 3.57
C ARG A 71 -8.75 -12.67 2.12
N ASN A 72 -7.78 -13.21 1.38
CA ASN A 72 -7.96 -13.59 -0.04
C ASN A 72 -8.43 -12.44 -0.94
N LEU A 73 -8.01 -11.22 -0.62
CA LEU A 73 -8.31 -10.05 -1.42
C LEU A 73 -7.34 -9.96 -2.61
N VAL A 74 -6.12 -10.47 -2.40
CA VAL A 74 -5.14 -10.66 -3.47
C VAL A 74 -4.44 -12.00 -3.15
N LYS A 75 -4.10 -12.74 -4.20
CA LYS A 75 -3.49 -14.05 -4.06
C LYS A 75 -2.25 -14.10 -4.93
N PRO A 76 -1.13 -13.60 -4.39
CA PRO A 76 0.10 -13.53 -5.18
C PRO A 76 0.54 -14.90 -5.66
N GLU A 77 0.94 -14.96 -6.93
CA GLU A 77 1.31 -16.23 -7.53
C GLU A 77 2.19 -15.96 -8.75
N GLY A 78 3.00 -16.95 -9.10
CA GLY A 78 3.85 -16.90 -10.27
C GLY A 78 4.84 -15.77 -10.17
N LYS A 79 5.02 -15.07 -11.29
CA LYS A 79 5.94 -13.94 -11.37
C LYS A 79 5.25 -12.70 -10.84
N VAL A 80 5.81 -12.15 -9.78
CA VAL A 80 5.27 -10.96 -9.13
C VAL A 80 6.14 -9.74 -9.46
N ILE A 81 5.51 -8.66 -9.88
CA ILE A 81 6.20 -7.40 -10.12
C ILE A 81 5.68 -6.43 -9.07
N ASP A 82 6.59 -5.76 -8.38
CA ASP A 82 6.23 -4.84 -7.29
C ASP A 82 6.72 -3.45 -7.67
N LEU A 83 5.79 -2.61 -8.12
CA LEU A 83 6.10 -1.24 -8.54
C LEU A 83 6.10 -0.29 -7.32
N GLY A 84 7.21 0.44 -7.17
CA GLY A 84 7.41 1.33 -6.01
C GLY A 84 7.74 0.46 -4.81
N CYS A 85 8.69 -0.46 -4.99
CA CYS A 85 9.01 -1.44 -3.93
C CYS A 85 9.65 -0.84 -2.67
N GLY A 86 10.25 0.34 -2.78
CA GLY A 86 10.93 0.97 -1.64
C GLY A 86 11.96 0.04 -1.01
N ARG A 87 11.92 -0.10 0.32
CA ARG A 87 12.83 -0.96 1.05
C ARG A 87 12.64 -2.44 0.68
N GLY A 88 11.44 -2.81 0.23
CA GLY A 88 11.11 -4.19 -0.20
C GLY A 88 10.10 -4.97 0.64
N GLY A 89 9.34 -4.27 1.49
CA GLY A 89 8.38 -4.92 2.39
C GLY A 89 7.38 -5.89 1.75
N TRP A 90 6.81 -5.48 0.63
CA TRP A 90 5.85 -6.31 -0.10
C TRP A 90 6.56 -7.44 -0.83
N SER A 91 7.71 -7.14 -1.43
CA SER A 91 8.47 -8.13 -2.18
C SER A 91 9.00 -9.29 -1.32
N TYR A 92 9.56 -8.95 -0.16
CA TYR A 92 10.10 -9.98 0.72
C TYR A 92 9.00 -10.86 1.33
N TYR A 93 7.81 -10.29 1.50
CA TYR A 93 6.67 -11.06 2.00
C TYR A 93 6.20 -12.06 0.91
N CYS A 94 6.01 -11.57 -0.32
CA CYS A 94 5.56 -12.43 -1.42
C CYS A 94 6.51 -13.57 -1.67
N ALA A 95 7.79 -13.31 -1.45
CA ALA A 95 8.84 -14.29 -1.68
C ALA A 95 8.64 -15.56 -0.86
N GLY A 96 7.93 -15.45 0.26
CA GLY A 96 7.69 -16.63 1.10
C GLY A 96 6.38 -17.39 0.83
N LEU A 97 5.57 -16.91 -0.13
CA LEU A 97 4.27 -17.52 -0.45
C LEU A 97 4.43 -18.68 -1.43
N LYS A 98 3.83 -19.82 -1.10
CA LYS A 98 3.96 -21.03 -1.90
C LYS A 98 3.82 -20.87 -3.42
N LYS A 99 2.77 -20.20 -3.86
CA LYS A 99 2.50 -20.06 -5.32
C LYS A 99 3.41 -19.08 -6.07
N VAL A 100 4.19 -18.27 -5.34
CA VAL A 100 5.10 -17.28 -5.96
C VAL A 100 6.40 -17.96 -6.43
N THR A 101 6.79 -17.68 -7.66
CA THR A 101 7.98 -18.27 -8.24
C THR A 101 9.12 -17.27 -8.41
N GLU A 102 8.81 -15.98 -8.51
N GLU A 102 8.79 -15.98 -8.46
CA GLU A 102 9.85 -14.96 -8.64
CA GLU A 102 9.78 -14.94 -8.68
C GLU A 102 9.23 -13.60 -8.36
C GLU A 102 9.19 -13.61 -8.28
N VAL A 103 10.04 -12.68 -7.83
CA VAL A 103 9.60 -11.35 -7.47
C VAL A 103 10.62 -10.35 -8.03
N LYS A 104 10.13 -9.36 -8.75
CA LYS A 104 10.94 -8.26 -9.25
C LYS A 104 10.38 -6.96 -8.68
N GLY A 105 11.18 -6.23 -7.94
CA GLY A 105 10.73 -4.96 -7.36
C GLY A 105 11.48 -3.81 -7.99
N TYR A 106 10.78 -2.72 -8.35
CA TYR A 106 11.40 -1.55 -8.97
C TYR A 106 11.07 -0.34 -8.14
N THR A 107 12.05 0.53 -7.90
CA THR A 107 11.80 1.71 -7.15
C THR A 107 12.69 2.85 -7.66
N LYS A 108 12.24 4.06 -7.40
N LYS A 108 12.23 4.09 -7.51
CA LYS A 108 12.90 5.28 -7.79
CA LYS A 108 12.99 5.21 -8.08
C LYS A 108 14.07 5.47 -6.81
C LYS A 108 14.20 5.57 -7.22
N GLY A 109 15.23 5.87 -7.28
N GLY A 109 15.23 6.06 -7.85
CA GLY A 109 16.31 6.07 -6.31
CA GLY A 109 16.41 6.44 -7.11
C GLY A 109 16.31 7.51 -5.84
C GLY A 109 16.40 7.90 -6.70
N GLY A 110 17.48 7.98 -5.46
N GLY A 110 17.22 8.25 -5.71
CA GLY A 110 17.65 9.39 -5.15
CA GLY A 110 17.37 9.64 -5.32
C GLY A 110 17.51 9.80 -3.70
C GLY A 110 17.22 9.96 -3.85
N PRO A 111 17.85 11.07 -3.41
CA PRO A 111 17.74 11.54 -2.04
C PRO A 111 16.28 11.68 -1.62
N GLY A 112 15.99 11.27 -0.38
CA GLY A 112 14.65 11.32 0.14
C GLY A 112 13.77 10.18 -0.31
N HIS A 113 14.32 9.22 -1.06
CA HIS A 113 13.55 8.07 -1.50
C HIS A 113 14.21 6.84 -0.90
N GLU A 114 13.39 5.94 -0.38
CA GLU A 114 13.92 4.74 0.27
C GLU A 114 14.52 3.79 -0.75
N GLU A 115 15.69 3.27 -0.41
CA GLU A 115 16.42 2.33 -1.26
C GLU A 115 16.13 0.91 -0.78
N PRO A 116 16.16 -0.08 -1.69
CA PRO A 116 15.97 -1.47 -1.24
C PRO A 116 16.98 -1.90 -0.16
N ILE A 117 16.51 -2.69 0.81
CA ILE A 117 17.38 -3.21 1.85
C ILE A 117 17.63 -4.69 1.53
N PRO A 118 18.91 -5.10 1.37
CA PRO A 118 19.14 -6.54 1.13
C PRO A 118 18.79 -7.36 2.37
N MET A 119 17.92 -8.37 2.24
CA MET A 119 17.57 -9.21 3.39
C MET A 119 17.74 -10.69 3.06
N ALA A 120 17.79 -11.50 4.12
CA ALA A 120 17.95 -12.97 4.00
C ALA A 120 16.76 -13.74 4.58
N THR A 121 15.59 -13.10 4.53
CA THR A 121 14.33 -13.68 4.94
C THR A 121 13.93 -14.77 3.92
N TYR A 122 13.01 -15.63 4.35
CA TYR A 122 12.61 -16.80 3.54
C TYR A 122 12.27 -16.43 2.09
N GLY A 123 12.92 -17.12 1.18
CA GLY A 123 12.71 -16.87 -0.25
C GLY A 123 13.41 -15.66 -0.84
N TRP A 124 14.36 -15.09 -0.11
CA TRP A 124 15.12 -13.91 -0.58
C TRP A 124 15.79 -14.11 -1.96
N ASN A 125 16.21 -15.34 -2.23
CA ASN A 125 16.85 -15.68 -3.49
C ASN A 125 15.94 -15.55 -4.72
N LEU A 126 14.62 -15.51 -4.50
CA LEU A 126 13.66 -15.36 -5.58
C LEU A 126 13.36 -13.88 -5.88
N VAL A 127 13.93 -12.98 -5.07
CA VAL A 127 13.64 -11.54 -5.17
C VAL A 127 14.79 -10.75 -5.78
N LYS A 128 14.49 -9.91 -6.79
CA LYS A 128 15.47 -9.00 -7.34
C LYS A 128 14.89 -7.60 -7.26
N LEU A 129 15.48 -6.77 -6.38
CA LEU A 129 15.03 -5.40 -6.22
C LEU A 129 16.01 -4.52 -6.99
N HIS A 130 15.48 -3.48 -7.61
N HIS A 130 15.46 -3.47 -7.61
CA HIS A 130 16.29 -2.57 -8.41
CA HIS A 130 16.20 -2.55 -8.43
C HIS A 130 15.87 -1.13 -8.15
C HIS A 130 15.84 -1.12 -8.08
N SER A 131 16.83 -0.31 -7.72
CA SER A 131 16.58 1.12 -7.46
C SER A 131 16.88 1.86 -8.77
N GLY A 132 16.69 3.19 -8.77
CA GLY A 132 16.94 4.00 -9.97
C GLY A 132 16.10 3.54 -11.16
N LYS A 133 14.83 3.24 -10.91
CA LYS A 133 13.96 2.71 -11.94
C LYS A 133 12.60 3.39 -11.78
N ASP A 134 12.45 4.52 -12.46
CA ASP A 134 11.21 5.31 -12.47
C ASP A 134 10.18 4.60 -13.37
N VAL A 135 9.18 3.99 -12.73
CA VAL A 135 8.22 3.18 -13.47
C VAL A 135 7.30 3.92 -14.43
N PHE A 136 7.23 5.25 -14.35
N PHE A 136 7.24 5.25 -14.34
CA PHE A 136 6.41 6.00 -15.30
CA PHE A 136 6.41 6.01 -15.29
C PHE A 136 7.02 5.95 -16.70
C PHE A 136 7.06 6.11 -16.66
N PHE A 137 8.31 5.63 -16.79
CA PHE A 137 9.01 5.67 -18.07
C PHE A 137 9.51 4.34 -18.62
N ILE A 138 9.10 3.23 -18.02
CA ILE A 138 9.55 1.93 -18.51
C ILE A 138 8.40 1.19 -19.17
N PRO A 139 8.71 0.27 -20.08
CA PRO A 139 7.63 -0.45 -20.73
C PRO A 139 7.03 -1.51 -19.80
N PRO A 140 5.73 -1.78 -19.93
CA PRO A 140 5.17 -2.85 -19.13
C PRO A 140 5.72 -4.22 -19.50
N GLU A 141 5.65 -5.14 -18.54
CA GLU A 141 6.18 -6.49 -18.69
C GLU A 141 5.07 -7.45 -18.30
N LYS A 142 5.16 -8.65 -18.83
CA LYS A 142 4.25 -9.71 -18.49
C LYS A 142 4.48 -10.18 -17.05
N CYS A 143 3.41 -10.38 -16.29
CA CYS A 143 3.52 -10.92 -14.95
C CYS A 143 2.22 -11.53 -14.53
N ASP A 144 2.26 -12.34 -13.49
CA ASP A 144 1.09 -13.06 -12.97
C ASP A 144 0.44 -12.31 -11.81
N THR A 145 1.21 -11.43 -11.18
CA THR A 145 0.75 -10.60 -10.08
C THR A 145 1.41 -9.23 -10.21
N LEU A 146 0.62 -8.15 -10.13
CA LEU A 146 1.13 -6.80 -10.24
C LEU A 146 0.77 -6.06 -8.97
N LEU A 147 1.78 -5.63 -8.24
CA LEU A 147 1.59 -4.84 -7.03
C LEU A 147 2.11 -3.44 -7.28
N CYS A 148 1.45 -2.45 -6.71
CA CYS A 148 1.92 -1.07 -6.86
C CYS A 148 1.53 -0.30 -5.61
N ASP A 149 2.51 0.34 -4.97
CA ASP A 149 2.25 1.04 -3.72
C ASP A 149 2.70 2.50 -3.84
N ILE A 150 2.59 3.06 -5.04
CA ILE A 150 3.01 4.43 -5.32
C ILE A 150 1.89 5.47 -5.04
N GLY A 151 2.26 6.57 -4.41
CA GLY A 151 1.34 7.67 -4.21
C GLY A 151 1.84 8.52 -3.09
N GLU A 152 2.46 9.64 -3.43
CA GLU A 152 3.01 10.54 -2.42
C GLU A 152 1.96 11.50 -1.89
N SER A 153 1.78 11.53 -0.58
N SER A 153 1.78 11.52 -0.57
CA SER A 153 0.81 12.43 0.02
CA SER A 153 0.81 12.42 0.05
C SER A 153 1.18 13.90 -0.15
C SER A 153 1.19 13.90 -0.10
N SER A 154 0.17 14.74 -0.03
CA SER A 154 0.33 16.20 -0.09
C SER A 154 -0.81 16.81 0.69
N PRO A 155 -0.55 17.96 1.36
CA PRO A 155 -1.67 18.63 2.02
C PRO A 155 -2.67 19.16 1.00
N ASN A 156 -2.25 19.29 -0.26
CA ASN A 156 -3.13 19.73 -1.32
C ASN A 156 -3.80 18.53 -1.97
N PRO A 157 -5.13 18.37 -1.80
CA PRO A 157 -5.78 17.21 -2.40
C PRO A 157 -5.79 17.17 -3.94
N THR A 158 -5.70 18.32 -4.60
CA THR A 158 -5.68 18.33 -6.08
C THR A 158 -4.36 17.75 -6.60
N ILE A 159 -3.28 17.97 -5.85
CA ILE A 159 -1.99 17.38 -6.20
C ILE A 159 -2.11 15.84 -6.04
N GLU A 160 -2.69 15.37 -4.94
CA GLU A 160 -2.89 13.93 -4.71
C GLU A 160 -3.78 13.31 -5.78
N GLU A 161 -4.81 14.05 -6.18
CA GLU A 161 -5.72 13.61 -7.24
C GLU A 161 -4.94 13.35 -8.55
N GLY A 162 -4.15 14.34 -8.97
CA GLY A 162 -3.29 14.21 -10.16
C GLY A 162 -2.33 13.04 -10.04
N ARG A 163 -1.74 12.84 -8.85
CA ARG A 163 -0.84 11.72 -8.64
C ARG A 163 -1.55 10.39 -8.80
N THR A 164 -2.75 10.30 -8.25
CA THR A 164 -3.53 9.05 -8.30
C THR A 164 -3.96 8.69 -9.75
N LEU A 165 -4.44 9.68 -10.48
CA LEU A 165 -4.85 9.48 -11.88
C LEU A 165 -3.64 9.07 -12.75
N ARG A 166 -2.48 9.66 -12.48
CA ARG A 166 -1.24 9.33 -13.22
C ARG A 166 -0.85 7.86 -12.94
N VAL A 167 -0.87 7.47 -11.68
CA VAL A 167 -0.60 6.08 -11.30
C VAL A 167 -1.57 5.14 -12.01
N LEU A 168 -2.86 5.49 -12.00
CA LEU A 168 -3.86 4.60 -12.64
C LEU A 168 -3.63 4.45 -14.14
N LYS A 169 -3.28 5.52 -14.82
CA LYS A 169 -2.99 5.42 -16.25
C LYS A 169 -1.71 4.57 -16.46
N MET A 170 -0.73 4.76 -15.58
CA MET A 170 0.53 4.01 -15.69
C MET A 170 0.36 2.49 -15.49
N VAL A 171 -0.44 2.09 -14.51
N VAL A 171 -0.46 2.10 -14.52
CA VAL A 171 -0.56 0.64 -14.17
CA VAL A 171 -0.58 0.71 -14.13
C VAL A 171 -1.39 -0.17 -15.17
C VAL A 171 -1.43 -0.15 -15.07
N GLU A 172 -2.37 0.47 -15.80
CA GLU A 172 -3.29 -0.28 -16.66
C GLU A 172 -2.63 -1.21 -17.68
N PRO A 173 -1.58 -0.74 -18.38
CA PRO A 173 -0.90 -1.61 -19.35
C PRO A 173 -0.22 -2.81 -18.71
N TRP A 174 -0.03 -2.79 -17.40
CA TRP A 174 0.57 -3.94 -16.73
C TRP A 174 -0.48 -4.99 -16.32
N LEU A 175 -1.76 -4.69 -16.54
CA LEU A 175 -2.86 -5.56 -16.09
C LEU A 175 -3.47 -6.32 -17.26
N ARG A 176 -3.34 -7.63 -17.20
CA ARG A 176 -3.97 -8.53 -18.16
C ARG A 176 -3.82 -9.94 -17.61
N GLY A 177 -4.96 -10.56 -17.31
CA GLY A 177 -5.00 -11.92 -16.78
C GLY A 177 -4.16 -12.15 -15.54
N ASN A 178 -4.10 -11.16 -14.66
CA ASN A 178 -3.33 -11.29 -13.46
C ASN A 178 -3.95 -10.72 -12.15
N GLN A 179 -3.46 -11.23 -11.02
CA GLN A 179 -3.77 -10.75 -9.68
C GLN A 179 -3.15 -9.37 -9.52
N PHE A 180 -3.73 -8.53 -8.65
CA PHE A 180 -3.16 -7.21 -8.42
C PHE A 180 -3.58 -6.58 -7.10
N CYS A 181 -2.78 -5.62 -6.66
CA CYS A 181 -3.06 -4.84 -5.43
C CYS A 181 -2.36 -3.49 -5.66
N ILE A 182 -3.18 -2.43 -5.80
CA ILE A 182 -2.71 -1.13 -6.23
C ILE A 182 -3.19 -0.04 -5.30
N LYS A 183 -2.26 0.72 -4.75
CA LYS A 183 -2.64 1.82 -3.88
C LYS A 183 -3.33 2.95 -4.64
N ILE A 184 -4.44 3.41 -4.07
CA ILE A 184 -5.20 4.55 -4.60
C ILE A 184 -5.05 5.63 -3.53
N LEU A 185 -4.11 6.54 -3.74
CA LEU A 185 -3.79 7.56 -2.75
C LEU A 185 -4.97 8.41 -2.31
N ASN A 186 -5.65 9.00 -3.29
CA ASN A 186 -6.81 9.84 -3.07
C ASN A 186 -7.95 9.23 -3.88
N PRO A 187 -8.78 8.40 -3.24
CA PRO A 187 -9.86 7.70 -3.94
C PRO A 187 -11.20 8.43 -3.97
N TYR A 188 -11.29 9.59 -3.32
CA TYR A 188 -12.56 10.28 -3.14
C TYR A 188 -12.90 11.40 -4.14
N MET A 189 -11.92 11.97 -4.82
CA MET A 189 -12.24 13.01 -5.80
C MET A 189 -13.05 12.38 -6.94
N PRO A 190 -14.08 13.11 -7.42
CA PRO A 190 -14.97 12.63 -8.49
C PRO A 190 -14.27 12.00 -9.72
N SER A 191 -13.22 12.63 -10.26
N SER A 191 -13.23 12.64 -10.25
CA SER A 191 -12.50 12.06 -11.42
CA SER A 191 -12.48 12.09 -11.41
C SER A 191 -11.87 10.72 -11.10
C SER A 191 -11.87 10.73 -11.10
N VAL A 192 -11.41 10.54 -9.86
CA VAL A 192 -10.81 9.27 -9.44
C VAL A 192 -11.91 8.20 -9.28
N VAL A 193 -13.02 8.55 -8.64
CA VAL A 193 -14.11 7.60 -8.48
C VAL A 193 -14.55 7.08 -9.86
N GLU A 194 -14.70 8.00 -10.82
CA GLU A 194 -15.14 7.64 -12.15
C GLU A 194 -14.11 6.74 -12.86
N THR A 195 -12.84 7.09 -12.69
CA THR A 195 -11.76 6.33 -13.31
C THR A 195 -11.74 4.91 -12.74
N LEU A 196 -11.89 4.82 -11.42
CA LEU A 196 -11.94 3.53 -10.73
C LEU A 196 -13.12 2.67 -11.19
N GLU A 197 -14.28 3.29 -11.38
CA GLU A 197 -15.46 2.54 -11.89
C GLU A 197 -15.14 1.93 -13.26
N GLN A 198 -14.52 2.72 -14.13
CA GLN A 198 -14.16 2.23 -15.47
C GLN A 198 -13.15 1.09 -15.37
N MET A 199 -12.12 1.26 -14.56
N MET A 199 -12.11 1.30 -14.56
CA MET A 199 -11.06 0.24 -14.45
CA MET A 199 -11.03 0.31 -14.36
C MET A 199 -11.53 -1.04 -13.77
C MET A 199 -11.54 -1.01 -13.78
N GLN A 200 -12.45 -0.90 -12.81
CA GLN A 200 -13.09 -2.07 -12.20
C GLN A 200 -13.91 -2.82 -13.26
N ARG A 201 -14.60 -2.08 -14.12
CA ARG A 201 -15.35 -2.75 -15.19
C ARG A 201 -14.40 -3.52 -16.13
N LYS A 202 -13.26 -2.93 -16.42
CA LYS A 202 -12.32 -3.54 -17.35
C LYS A 202 -11.53 -4.69 -16.77
N HIS A 203 -11.15 -4.59 -15.50
CA HIS A 203 -10.23 -5.57 -14.88
C HIS A 203 -10.75 -6.27 -13.61
N GLY A 204 -11.96 -5.94 -13.19
CA GLY A 204 -12.57 -6.56 -12.03
C GLY A 204 -12.04 -6.01 -10.71
N GLY A 205 -12.29 -6.76 -9.65
CA GLY A 205 -11.83 -6.38 -8.34
C GLY A 205 -12.71 -5.41 -7.60
N MET A 206 -12.16 -4.92 -6.51
CA MET A 206 -12.89 -4.02 -5.61
C MET A 206 -11.93 -3.08 -4.89
N LEU A 207 -12.48 -2.08 -4.22
CA LEU A 207 -11.71 -1.09 -3.51
C LEU A 207 -11.89 -1.33 -2.01
N VAL A 208 -10.77 -1.44 -1.27
N VAL A 208 -10.79 -1.45 -1.27
CA VAL A 208 -10.80 -1.79 0.16
CA VAL A 208 -10.87 -1.70 0.16
C VAL A 208 -9.91 -0.88 1.02
C VAL A 208 -9.97 -0.79 0.98
N ARG A 209 -10.40 -0.56 2.21
CA ARG A 209 -9.62 0.23 3.17
C ARG A 209 -8.89 -0.76 4.07
N ASN A 210 -7.57 -0.61 4.21
CA ASN A 210 -6.79 -1.49 5.08
C ASN A 210 -6.79 -0.91 6.50
N PRO A 211 -7.18 -1.73 7.51
CA PRO A 211 -7.25 -1.18 8.89
C PRO A 211 -5.90 -0.77 9.50
N LEU A 212 -4.80 -1.20 8.88
CA LEU A 212 -3.44 -0.80 9.31
C LEU A 212 -3.01 0.57 8.76
N SER A 213 -3.78 1.11 7.83
CA SER A 213 -3.50 2.45 7.31
C SER A 213 -3.79 3.46 8.43
N ARG A 214 -3.00 4.52 8.52
CA ARG A 214 -3.25 5.55 9.53
C ARG A 214 -4.41 6.44 9.11
N ASN A 215 -5.08 7.07 10.08
CA ASN A 215 -6.20 7.95 9.75
C ASN A 215 -5.79 9.23 9.01
N SER A 216 -4.49 9.52 8.99
CA SER A 216 -3.95 10.70 8.32
C SER A 216 -3.91 10.60 6.77
N THR A 217 -4.26 9.43 6.24
CA THR A 217 -4.33 9.19 4.80
C THR A 217 -5.64 8.50 4.46
N HIS A 218 -6.22 8.86 3.33
CA HIS A 218 -7.46 8.26 2.89
C HIS A 218 -7.16 7.13 1.90
N GLU A 219 -5.92 6.67 1.86
CA GLU A 219 -5.55 5.63 0.90
C GLU A 219 -6.46 4.40 0.97
N MET A 220 -6.75 3.83 -0.20
CA MET A 220 -7.52 2.60 -0.31
C MET A 220 -6.79 1.83 -1.39
N TYR A 221 -7.07 0.53 -1.45
CA TYR A 221 -6.37 -0.34 -2.38
C TYR A 221 -7.33 -1.02 -3.31
N TRP A 222 -6.97 -1.06 -4.59
CA TRP A 222 -7.77 -1.75 -5.60
C TRP A 222 -7.13 -3.11 -5.72
N VAL A 223 -7.89 -4.12 -5.30
CA VAL A 223 -7.43 -5.49 -5.25
C VAL A 223 -8.21 -6.29 -6.29
N SER A 224 -7.59 -7.35 -6.80
CA SER A 224 -8.18 -8.12 -7.88
C SER A 224 -9.32 -9.07 -7.52
N CSO A 225 -9.44 -9.47 -6.26
CA CSO A 225 -10.43 -10.45 -5.90
CB CSO A 225 -9.89 -11.49 -4.90
SG CSO A 225 -8.45 -12.35 -5.51
C CSO A 225 -11.62 -9.75 -5.28
O CSO A 225 -11.47 -8.73 -4.57
OD CSO A 225 -9.01 -13.39 -6.80
N GLY A 226 -12.79 -10.29 -5.56
CA GLY A 226 -14.05 -9.75 -5.02
C GLY A 226 -14.65 -8.68 -5.90
N THR A 227 -15.78 -8.14 -5.44
CA THR A 227 -16.44 -7.08 -6.15
C THR A 227 -17.19 -6.26 -5.13
N GLY A 228 -17.61 -5.07 -5.52
CA GLY A 228 -18.36 -4.22 -4.61
C GLY A 228 -18.48 -2.85 -5.20
N ASN A 229 -19.46 -2.11 -4.69
CA ASN A 229 -19.75 -0.78 -5.16
C ASN A 229 -18.65 0.19 -4.68
N ILE A 230 -17.92 0.76 -5.62
CA ILE A 230 -16.84 1.69 -5.27
C ILE A 230 -17.33 2.97 -4.56
N VAL A 231 -18.43 3.55 -5.02
CA VAL A 231 -18.94 4.76 -4.37
C VAL A 231 -19.26 4.49 -2.89
N SER A 232 -19.91 3.37 -2.63
CA SER A 232 -20.22 2.98 -1.24
C SER A 232 -18.95 2.80 -0.44
N ALA A 233 -17.96 2.09 -1.01
CA ALA A 233 -16.72 1.85 -0.26
C ALA A 233 -16.03 3.16 0.10
N VAL A 234 -15.95 4.07 -0.85
CA VAL A 234 -15.29 5.34 -0.64
C VAL A 234 -16.02 6.18 0.41
N ASN A 235 -17.33 6.30 0.26
CA ASN A 235 -18.11 7.11 1.19
C ASN A 235 -18.14 6.56 2.62
N MET A 236 -18.19 5.25 2.78
N MET A 236 -18.21 5.24 2.77
CA MET A 236 -18.14 4.67 4.11
CA MET A 236 -18.14 4.60 4.09
C MET A 236 -16.77 4.89 4.76
C MET A 236 -16.79 4.92 4.75
N THR A 237 -15.71 4.85 3.96
CA THR A 237 -14.36 5.15 4.46
C THR A 237 -14.25 6.62 4.87
N SER A 238 -14.78 7.52 4.05
CA SER A 238 -14.76 8.93 4.38
C SER A 238 -15.53 9.19 5.68
N ARG A 239 -16.69 8.55 5.83
CA ARG A 239 -17.45 8.73 7.08
C ARG A 239 -16.67 8.24 8.29
N MET A 240 -16.06 7.06 8.17
N MET A 240 -16.05 7.07 8.16
CA MET A 240 -15.26 6.52 9.26
CA MET A 240 -15.24 6.47 9.23
C MET A 240 -14.18 7.52 9.66
C MET A 240 -14.10 7.41 9.66
N LEU A 241 -13.40 7.98 8.68
CA LEU A 241 -12.32 8.92 8.94
C LEU A 241 -12.79 10.23 9.56
N LEU A 242 -13.92 10.75 9.10
CA LEU A 242 -14.49 11.97 9.69
C LEU A 242 -14.92 11.74 11.13
N ASN A 243 -15.53 10.59 11.38
CA ASN A 243 -15.97 10.27 12.71
C ASN A 243 -14.83 10.04 13.70
N ARG A 244 -13.67 9.60 13.20
CA ARG A 244 -12.51 9.38 14.06
C ARG A 244 -11.87 10.67 14.63
N PHE A 245 -12.22 11.84 14.09
CA PHE A 245 -11.69 13.08 14.66
C PHE A 245 -12.17 13.26 16.09
N THR A 246 -13.36 12.76 16.39
CA THR A 246 -13.94 12.89 17.74
C THR A 246 -14.39 11.52 18.27
N MET A 247 -13.51 10.57 18.12
CA MET A 247 -13.71 9.20 18.55
C MET A 247 -13.65 9.09 20.08
N ALA A 248 -14.67 8.49 20.68
CA ALA A 248 -14.72 8.32 22.13
C ALA A 248 -13.75 7.25 22.67
N HIS A 249 -13.61 6.13 21.95
CA HIS A 249 -12.76 5.01 22.34
C HIS A 249 -11.75 4.90 21.22
N ARG A 250 -10.54 5.38 21.46
N ARG A 250 -10.53 5.37 21.46
CA ARG A 250 -9.52 5.44 20.39
CA ARG A 250 -9.54 5.43 20.39
C ARG A 250 -8.28 4.57 20.55
C ARG A 250 -8.27 4.60 20.57
N LYS A 251 -8.30 3.65 21.50
CA LYS A 251 -7.14 2.80 21.71
C LYS A 251 -6.89 1.94 20.47
N PRO A 252 -5.64 1.92 19.96
CA PRO A 252 -5.35 1.04 18.82
C PRO A 252 -5.34 -0.43 19.23
N THR A 253 -5.44 -1.29 18.23
CA THR A 253 -5.39 -2.71 18.42
C THR A 253 -4.01 -3.13 17.91
N TYR A 254 -3.22 -3.73 18.78
CA TYR A 254 -1.87 -4.12 18.41
C TYR A 254 -1.81 -5.56 17.98
N GLU A 255 -0.96 -5.83 17.00
CA GLU A 255 -0.72 -7.21 16.55
C GLU A 255 0.79 -7.38 16.45
N ARG A 256 1.25 -8.63 16.51
CA ARG A 256 2.67 -8.90 16.38
C ARG A 256 3.10 -8.64 14.95
N ASP A 257 4.32 -8.15 14.78
CA ASP A 257 4.84 -7.85 13.46
C ASP A 257 5.11 -9.19 12.76
N VAL A 258 5.23 -9.15 11.44
CA VAL A 258 5.44 -10.37 10.68
C VAL A 258 6.86 -10.88 10.85
N ASP A 259 6.99 -12.20 11.01
CA ASP A 259 8.29 -12.89 11.08
C ASP A 259 8.43 -13.58 9.73
N LEU A 260 9.40 -13.13 8.94
CA LEU A 260 9.60 -13.67 7.58
C LEU A 260 10.66 -14.74 7.51
N GLY A 261 11.08 -15.24 8.65
CA GLY A 261 12.03 -16.35 8.73
C GLY A 261 13.41 -16.19 8.11
N ALA A 262 13.89 -17.26 7.47
CA ALA A 262 15.23 -17.26 6.90
C ALA A 262 15.42 -18.44 5.98
N GLY A 263 16.23 -18.24 4.95
CA GLY A 263 16.59 -19.36 4.07
C GLY A 263 16.15 -19.21 2.65
N THR A 264 16.77 -20.01 1.78
CA THR A 264 16.45 -19.97 0.38
C THR A 264 15.23 -20.80 0.10
N ARG A 265 14.61 -20.52 -1.04
CA ARG A 265 13.48 -21.31 -1.51
C ARG A 265 13.81 -21.91 -2.82
N HIS A 266 13.31 -23.13 -2.96
CA HIS A 266 13.39 -23.91 -4.17
C HIS A 266 11.90 -24.00 -4.58
N VAL A 267 11.61 -23.73 -5.86
CA VAL A 267 10.23 -23.85 -6.37
C VAL A 267 10.08 -25.16 -7.13
CL CL B . -21.29 -3.55 -2.25
S SO4 C . -8.94 -3.10 -23.86
O1 SO4 C . -10.39 -2.89 -23.93
O2 SO4 C . -8.26 -1.85 -23.42
O3 SO4 C . -8.47 -3.49 -25.20
O4 SO4 C . -8.64 -4.20 -22.92
S SO4 D . 8.95 1.37 9.68
O1 SO4 D . 8.26 0.79 10.87
O2 SO4 D . 9.20 2.81 9.91
O3 SO4 D . 10.25 0.67 9.52
O4 SO4 D . 8.08 1.23 8.47
S SO4 E . -10.66 2.14 24.86
O1 SO4 E . -12.04 2.04 25.39
O2 SO4 E . -9.87 3.19 25.56
O3 SO4 E . -10.01 0.83 25.05
O4 SO4 E . -10.72 2.50 23.42
S SO4 F . -14.40 3.04 14.23
O1 SO4 F . -14.65 3.25 15.67
O2 SO4 F . -13.82 4.26 13.65
O3 SO4 F . -13.48 1.90 14.05
O4 SO4 F . -15.66 2.74 13.51
S SO4 G . 4.96 14.57 -8.83
O1 SO4 G . 3.91 13.76 -8.20
O2 SO4 G . 5.17 15.82 -8.07
O3 SO4 G . 6.21 13.79 -8.88
O4 SO4 G . 4.51 14.91 -10.20
S SO4 H . -9.70 26.24 6.09
O1 SO4 H . -10.23 27.04 7.21
O2 SO4 H . -9.91 26.96 4.81
O3 SO4 H . -8.26 26.03 6.28
O4 SO4 H . -10.41 24.95 6.01
S SO4 I . 1.25 -19.91 1.72
O1 SO4 I . 1.00 -19.24 3.02
O2 SO4 I . 0.91 -18.98 0.62
O3 SO4 I . 2.68 -20.27 1.59
O4 SO4 I . 0.42 -21.14 1.61
S SO4 J . 7.03 -23.64 0.76
O1 SO4 J . 5.58 -23.58 1.07
O2 SO4 J . 7.51 -22.36 0.21
O3 SO4 J . 7.74 -23.90 2.04
O4 SO4 J . 7.27 -24.74 -0.20
S SO4 K . 8.05 -9.23 -21.19
O1 SO4 K . 6.63 -8.88 -21.03
O2 SO4 K . 8.90 -8.02 -21.13
O3 SO4 K . 8.46 -10.15 -20.12
O4 SO4 K . 8.23 -9.87 -22.51
N SAM L . 5.34 -1.39 -0.32
CA SAM L . 6.59 -0.86 0.22
C SAM L . 7.02 -1.65 1.42
O SAM L . 8.16 -1.45 1.91
OXT SAM L . 6.21 -2.48 1.87
CB SAM L . 6.43 0.63 0.57
CG SAM L . 6.65 1.43 -0.72
SD SAM L . 6.48 3.08 -0.55
CE SAM L . 5.12 3.45 0.34
C5' SAM L . 6.32 3.74 -2.09
C4' SAM L . 7.65 3.74 -2.84
O4' SAM L . 7.39 4.07 -4.23
C3' SAM L . 8.65 4.77 -2.31
O3' SAM L . 9.88 4.16 -1.94
C2' SAM L . 8.86 5.73 -3.47
O2' SAM L . 10.20 6.22 -3.56
C1' SAM L . 8.49 4.86 -4.66
N9 SAM L . 8.18 5.63 -5.88
C8 SAM L . 7.54 6.82 -5.98
N7 SAM L . 7.45 7.20 -7.28
C5 SAM L . 8.02 6.23 -8.01
C6 SAM L . 8.27 6.01 -9.45
N6 SAM L . 7.87 6.93 -10.35
N1 SAM L . 8.90 4.88 -9.82
C2 SAM L . 9.31 3.95 -8.91
N3 SAM L . 9.12 4.11 -7.59
C4 SAM L . 8.50 5.20 -7.10
C1 BDF M . -5.62 -2.72 -20.99
C2 BDF M . -5.31 -1.51 -21.87
C3 BDF M . -3.83 -1.11 -21.76
C4 BDF M . -3.59 0.18 -22.55
C5 BDF M . -4.54 1.28 -22.09
C6 BDF M . -5.97 0.81 -22.21
O1 BDF M . -7.04 -2.85 -20.81
O2 BDF M . -5.62 -1.86 -23.23
O3 BDF M . -3.01 -2.18 -22.26
O4 BDF M . -2.25 0.64 -22.43
O5 BDF M . -4.21 1.64 -20.73
O6 BDF M . -6.14 -0.41 -21.48
C1 MLT N . 7.64 14.11 -12.31
O1 MLT N . 7.82 14.61 -11.18
O2 MLT N . 6.57 14.18 -12.94
C2 MLT N . 8.78 13.37 -12.94
O3 MLT N . 9.01 13.82 -14.29
C3 MLT N . 8.51 11.88 -12.99
C4 MLT N . 8.67 11.22 -11.64
O4 MLT N . 8.83 11.91 -10.61
O5 MLT N . 8.60 9.99 -11.61
C1 GOL O . -7.42 -8.57 -17.19
O1 GOL O . -7.43 -7.30 -16.55
C2 GOL O . -8.78 -8.90 -17.74
O2 GOL O . -8.91 -8.15 -18.95
C3 GOL O . -8.87 -10.38 -18.06
O3 GOL O . -9.20 -11.14 -16.90
#